data_2IJQ
#
_entry.id   2IJQ
#
_cell.length_a   55.710
_cell.length_b   57.770
_cell.length_c   107.600
_cell.angle_alpha   90.00
_cell.angle_beta   90.00
_cell.angle_gamma   90.00
#
_symmetry.space_group_name_H-M   'P 21 21 21'
#
loop_
_entity.id
_entity.type
_entity.pdbx_description
1 polymer 'Hypothetical protein'
2 water water
#
_entity_poly.entity_id   1
_entity_poly.type   'polypeptide(L)'
_entity_poly.pdbx_seq_one_letter_code
;SLDDHTRDPTVKAPDGNPSGWRTDGQWEHETLRRAVVHGVRLYNSGEFHESHDCFEDEWYNYGRGNTESKFLHGMVQVAA
GAYKHFDFEDDDGMRSLFRTSLQYFRGVPNDYYGVDLLDVRTTVTNALSDPSALHGWQIRLDGEYPTCRPEDIEFAESLE
H
;
_entity_poly.pdbx_strand_id   A,B
#
# COMPACT_ATOMS: atom_id res chain seq x y z
N GLY A 16 3.02 15.96 -20.61
CA GLY A 16 4.09 14.92 -20.60
C GLY A 16 3.59 13.57 -21.09
N ASN A 17 4.37 12.53 -20.75
CA ASN A 17 4.02 11.12 -20.95
C ASN A 17 3.67 10.53 -19.60
N PRO A 18 2.46 9.96 -19.47
CA PRO A 18 2.15 9.40 -18.14
C PRO A 18 3.05 8.22 -17.77
N SER A 19 3.11 7.91 -16.48
CA SER A 19 3.82 6.72 -16.01
C SER A 19 3.24 5.50 -16.66
N GLY A 20 4.11 4.61 -17.13
CA GLY A 20 3.70 3.41 -17.82
C GLY A 20 3.93 3.52 -19.32
N TRP A 21 4.16 4.73 -19.80
CA TRP A 21 4.50 4.99 -21.23
C TRP A 21 6.03 4.92 -21.57
N ARG A 22 6.39 4.01 -22.47
CA ARG A 22 7.79 3.83 -22.90
C ARG A 22 8.21 4.76 -24.03
N THR A 23 9.54 4.91 -24.16
CA THR A 23 10.10 5.82 -25.15
C THR A 23 9.87 5.32 -26.58
N ASP A 24 9.54 4.05 -26.74
CA ASP A 24 9.18 3.57 -28.08
C ASP A 24 7.70 3.77 -28.40
N GLY A 25 7.04 4.64 -27.64
CA GLY A 25 5.65 4.98 -27.90
C GLY A 25 4.71 3.79 -27.67
N GLN A 26 4.98 3.05 -26.58
CA GLN A 26 4.17 1.92 -26.16
C GLN A 26 4.01 1.98 -24.66
N TRP A 27 2.95 1.33 -24.16
CA TRP A 27 2.75 1.16 -22.72
C TRP A 27 3.63 0.03 -22.31
N GLU A 28 4.14 0.06 -21.08
CA GLU A 28 5.00 -1.01 -20.59
C GLU A 28 4.29 -2.36 -20.55
N HIS A 29 3.06 -2.38 -20.10
CA HIS A 29 2.31 -3.63 -20.18
C HIS A 29 1.01 -3.37 -20.90
N GLU A 30 0.93 -3.87 -22.14
CA GLU A 30 -0.25 -3.63 -22.97
C GLU A 30 -1.56 -4.11 -22.36
N THR A 31 -1.51 -5.30 -21.74
CA THR A 31 -2.71 -5.89 -21.17
C THR A 31 -3.17 -5.07 -19.94
N LEU A 32 -2.24 -4.35 -19.30
CA LEU A 32 -2.58 -3.49 -18.16
C LEU A 32 -3.32 -2.24 -18.65
N ARG A 33 -2.75 -1.56 -19.64
CA ARG A 33 -3.40 -0.43 -20.31
C ARG A 33 -4.76 -0.85 -20.84
N ARG A 34 -4.83 -2.03 -21.46
CA ARG A 34 -6.12 -2.60 -21.92
C ARG A 34 -7.16 -2.63 -20.79
N ALA A 35 -6.80 -3.22 -19.65
CA ALA A 35 -7.71 -3.36 -18.50
C ALA A 35 -8.20 -1.99 -18.04
N VAL A 36 -7.29 -1.01 -18.09
CA VAL A 36 -7.58 0.39 -17.72
C VAL A 36 -8.61 1.04 -18.64
N VAL A 37 -8.39 0.88 -19.97
CA VAL A 37 -9.28 1.44 -20.99
C VAL A 37 -10.65 0.85 -20.83
N HIS A 38 -10.76 -0.48 -20.83
CA HIS A 38 -12.08 -1.06 -20.73
C HIS A 38 -12.69 -0.80 -19.36
N GLY A 39 -11.91 -1.01 -18.30
CA GLY A 39 -12.40 -0.77 -16.96
C GLY A 39 -12.88 0.64 -16.70
N VAL A 40 -12.12 1.63 -17.11
CA VAL A 40 -12.52 2.99 -16.86
C VAL A 40 -13.74 3.38 -17.69
N ARG A 41 -13.77 2.92 -18.94
CA ARG A 41 -14.94 3.25 -19.77
C ARG A 41 -16.20 2.60 -19.21
N LEU A 42 -16.08 1.35 -18.74
CA LEU A 42 -17.23 0.70 -18.06
C LEU A 42 -17.67 1.43 -16.78
N TYR A 43 -16.72 1.75 -15.93
CA TYR A 43 -16.99 2.52 -14.74
C TYR A 43 -17.74 3.82 -15.10
N ASN A 44 -17.29 4.53 -16.13
CA ASN A 44 -17.82 5.82 -16.43
C ASN A 44 -19.24 5.74 -16.96
N SER A 45 -19.65 4.56 -17.39
CA SER A 45 -21.03 4.38 -17.87
C SER A 45 -21.84 3.66 -16.77
N GLY A 46 -21.28 3.56 -15.56
CA GLY A 46 -22.00 2.94 -14.47
C GLY A 46 -22.19 1.45 -14.54
N GLU A 47 -21.33 0.78 -15.34
CA GLU A 47 -21.27 -0.69 -15.36
C GLU A 47 -20.15 -1.19 -14.40
N PHE A 48 -20.45 -1.08 -13.11
CA PHE A 48 -19.46 -1.23 -12.03
C PHE A 48 -18.93 -2.65 -11.89
N HIS A 49 -19.83 -3.62 -11.97
CA HIS A 49 -19.47 -5.06 -11.93
C HIS A 49 -18.57 -5.40 -13.12
N GLU A 50 -18.93 -5.00 -14.35
CA GLU A 50 -18.10 -5.31 -15.49
C GLU A 50 -16.74 -4.62 -15.41
N SER A 51 -16.75 -3.37 -14.93
CA SER A 51 -15.51 -2.64 -14.65
C SER A 51 -14.63 -3.43 -13.69
N HIS A 52 -15.17 -3.78 -12.52
CA HIS A 52 -14.45 -4.59 -11.56
C HIS A 52 -13.83 -5.81 -12.23
N ASP A 53 -14.60 -6.49 -13.09
CA ASP A 53 -14.11 -7.73 -13.69
C ASP A 53 -12.94 -7.53 -14.63
N CYS A 54 -12.90 -6.42 -15.37
CA CYS A 54 -11.76 -6.07 -16.22
C CYS A 54 -10.51 -5.95 -15.38
N PHE A 55 -10.62 -5.25 -14.23
CA PHE A 55 -9.43 -5.11 -13.33
C PHE A 55 -9.01 -6.44 -12.67
N GLU A 56 -10.02 -7.17 -12.24
CA GLU A 56 -9.85 -8.41 -11.51
C GLU A 56 -9.24 -9.49 -12.41
N ASP A 57 -9.45 -9.36 -13.71
CA ASP A 57 -8.83 -10.26 -14.66
C ASP A 57 -7.30 -10.06 -14.76
N GLU A 58 -6.85 -8.84 -14.49
CA GLU A 58 -5.45 -8.51 -14.69
C GLU A 58 -4.66 -8.54 -13.36
N TRP A 59 -5.37 -8.49 -12.21
CA TRP A 59 -4.71 -8.13 -10.92
C TRP A 59 -3.70 -9.09 -10.28
N TYR A 60 -3.63 -10.32 -10.79
CA TYR A 60 -2.65 -11.27 -10.26
C TYR A 60 -1.47 -11.43 -11.19
N ASN A 61 -1.55 -10.81 -12.39
CA ASN A 61 -0.57 -11.01 -13.45
C ASN A 61 0.79 -10.38 -13.22
N TYR A 62 0.93 -9.64 -12.12
CA TYR A 62 2.18 -8.95 -11.85
C TYR A 62 2.78 -9.29 -10.52
N GLY A 63 2.20 -10.29 -9.85
CA GLY A 63 2.60 -10.71 -8.50
C GLY A 63 2.04 -9.83 -7.41
N ARG A 64 2.90 -9.49 -6.47
CA ARG A 64 2.48 -8.74 -5.28
C ARG A 64 3.47 -7.68 -4.97
N GLY A 65 2.99 -6.63 -4.32
CA GLY A 65 3.86 -5.69 -3.66
C GLY A 65 4.42 -4.65 -4.60
N ASN A 66 4.18 -4.73 -5.89
CA ASN A 66 4.77 -3.72 -6.77
C ASN A 66 3.73 -2.76 -7.31
N THR A 67 4.18 -1.78 -8.11
CA THR A 67 3.31 -0.68 -8.51
C THR A 67 2.15 -1.22 -9.33
N GLU A 68 2.44 -2.08 -10.29
CA GLU A 68 1.41 -2.69 -11.12
C GLU A 68 0.34 -3.38 -10.31
N SER A 69 0.76 -4.24 -9.40
CA SER A 69 -0.21 -5.04 -8.68
C SER A 69 -0.97 -4.19 -7.64
N LYS A 70 -0.30 -3.18 -7.10
CA LYS A 70 -0.90 -2.24 -6.15
C LYS A 70 -1.97 -1.41 -6.85
N PHE A 71 -1.64 -0.84 -8.01
CA PHE A 71 -2.61 -0.09 -8.78
C PHE A 71 -3.88 -0.95 -9.07
N LEU A 72 -3.67 -2.19 -9.53
CA LEU A 72 -4.76 -3.02 -9.98
C LEU A 72 -5.68 -3.47 -8.85
N HIS A 73 -5.11 -3.81 -7.70
CA HIS A 73 -5.85 -4.10 -6.46
C HIS A 73 -6.66 -2.92 -6.01
N GLY A 74 -6.05 -1.74 -6.02
CA GLY A 74 -6.75 -0.50 -5.81
C GLY A 74 -7.89 -0.32 -6.78
N MET A 75 -7.67 -0.46 -8.08
CA MET A 75 -8.80 -0.22 -8.96
C MET A 75 -9.90 -1.25 -8.84
N VAL A 76 -9.55 -2.52 -8.63
CA VAL A 76 -10.57 -3.59 -8.31
C VAL A 76 -11.52 -3.16 -7.19
N GLN A 77 -10.93 -2.57 -6.16
CA GLN A 77 -11.65 -2.26 -4.93
C GLN A 77 -12.46 -0.99 -5.10
N VAL A 78 -11.97 -0.10 -5.95
CA VAL A 78 -12.77 1.09 -6.33
C VAL A 78 -14.05 0.67 -7.05
N ALA A 79 -13.89 -0.09 -8.14
CA ALA A 79 -15.02 -0.75 -8.83
C ALA A 79 -15.95 -1.53 -7.89
N ALA A 80 -15.39 -2.42 -7.08
CA ALA A 80 -16.20 -3.25 -6.18
C ALA A 80 -16.93 -2.36 -5.15
N GLY A 81 -16.24 -1.32 -4.62
CA GLY A 81 -16.88 -0.39 -3.67
C GLY A 81 -18.00 0.39 -4.32
N ALA A 82 -17.80 0.86 -5.57
CA ALA A 82 -18.92 1.52 -6.29
C ALA A 82 -20.12 0.60 -6.47
N TYR A 83 -19.84 -0.59 -6.94
CA TYR A 83 -20.84 -1.61 -7.07
C TYR A 83 -21.61 -1.82 -5.80
N LYS A 84 -20.96 -1.90 -4.64
CA LYS A 84 -21.73 -2.13 -3.38
C LYS A 84 -22.62 -0.94 -3.09
N HIS A 85 -22.09 0.26 -3.35
CA HIS A 85 -22.88 1.46 -3.16
C HIS A 85 -24.04 1.62 -4.13
N PHE A 86 -23.80 1.59 -5.44
CA PHE A 86 -24.89 1.81 -6.37
C PHE A 86 -25.89 0.65 -6.51
N ASP A 87 -25.41 -0.60 -6.57
CA ASP A 87 -26.31 -1.72 -6.79
C ASP A 87 -27.05 -2.19 -5.55
N PHE A 88 -26.40 -2.09 -4.38
CA PHE A 88 -26.98 -2.68 -3.17
C PHE A 88 -27.22 -1.72 -2.03
N GLU A 89 -26.86 -0.44 -2.26
CA GLU A 89 -26.87 0.60 -1.26
C GLU A 89 -26.17 0.16 0.06
N ASP A 90 -25.06 -0.54 -0.09
CA ASP A 90 -24.29 -1.06 1.00
C ASP A 90 -23.08 -0.18 1.30
N ASP A 91 -23.30 0.87 2.10
CA ASP A 91 -22.22 1.83 2.38
C ASP A 91 -21.12 1.34 3.27
N ASP A 92 -21.42 0.38 4.14
CA ASP A 92 -20.39 -0.21 5.00
C ASP A 92 -19.42 -0.99 4.11
N GLY A 93 -19.97 -1.76 3.15
CA GLY A 93 -19.17 -2.55 2.20
C GLY A 93 -18.32 -1.65 1.28
N MET A 94 -18.96 -0.59 0.77
CA MET A 94 -18.28 0.46 0.05
C MET A 94 -17.08 1.03 0.87
N ARG A 95 -17.38 1.51 2.07
CA ARG A 95 -16.35 2.07 2.97
C ARG A 95 -15.20 1.14 3.24
N SER A 96 -15.45 -0.14 3.53
CA SER A 96 -14.33 -1.09 3.71
C SER A 96 -13.41 -1.26 2.51
N LEU A 97 -13.98 -1.44 1.32
CA LEU A 97 -13.21 -1.52 0.10
C LEU A 97 -12.42 -0.25 -0.23
N PHE A 98 -13.06 0.90 -0.03
CA PHE A 98 -12.45 2.20 -0.25
C PHE A 98 -11.25 2.42 0.69
N ARG A 99 -11.35 2.03 1.96
N ARG A 99 -11.39 2.06 1.97
CA ARG A 99 -10.21 2.16 2.87
CA ARG A 99 -10.25 2.08 2.92
C ARG A 99 -8.99 1.33 2.48
C ARG A 99 -9.02 1.37 2.36
N THR A 100 -9.18 0.09 2.04
CA THR A 100 -8.04 -0.66 1.58
C THR A 100 -7.58 -0.20 0.21
N SER A 101 -8.48 0.29 -0.64
CA SER A 101 -8.03 0.76 -1.97
C SER A 101 -6.99 1.89 -1.84
N LEU A 102 -7.25 2.75 -0.87
CA LEU A 102 -6.38 3.92 -0.57
C LEU A 102 -4.98 3.48 -0.13
N GLN A 103 -4.93 2.39 0.62
CA GLN A 103 -3.62 1.83 1.02
C GLN A 103 -2.87 1.24 -0.15
N TYR A 104 -3.57 0.52 -1.02
CA TYR A 104 -2.95 0.03 -2.25
C TYR A 104 -2.41 1.12 -3.19
N PHE A 105 -3.16 2.22 -3.30
CA PHE A 105 -2.72 3.36 -4.10
C PHE A 105 -1.53 4.12 -3.55
N ARG A 106 -1.20 3.93 -2.28
CA ARG A 106 0.01 4.55 -1.76
C ARG A 106 1.28 4.13 -2.54
N GLY A 107 2.00 5.10 -3.08
CA GLY A 107 3.22 4.78 -3.83
C GLY A 107 2.96 4.69 -5.34
N VAL A 108 1.70 4.67 -5.76
CA VAL A 108 1.37 4.58 -7.18
C VAL A 108 1.42 6.03 -7.76
N PRO A 109 2.10 6.24 -8.90
CA PRO A 109 2.10 7.60 -9.46
C PRO A 109 0.67 8.08 -9.73
N ASN A 110 0.43 9.38 -9.60
CA ASN A 110 -0.91 9.96 -9.70
C ASN A 110 -1.43 10.13 -11.09
N ASP A 111 -0.63 9.72 -12.06
CA ASP A 111 -0.98 9.76 -13.50
C ASP A 111 -0.90 8.38 -14.18
N TYR A 112 -0.87 7.35 -13.36
CA TYR A 112 -0.49 6.03 -13.81
C TYR A 112 -1.39 5.52 -14.94
N TYR A 113 -0.75 5.18 -16.07
CA TYR A 113 -1.42 4.59 -17.23
C TYR A 113 -2.50 5.50 -17.81
N GLY A 114 -2.33 6.79 -17.59
CA GLY A 114 -3.27 7.72 -18.13
C GLY A 114 -4.40 8.09 -17.20
N VAL A 115 -4.51 7.40 -16.06
CA VAL A 115 -5.57 7.70 -15.06
C VAL A 115 -5.22 8.94 -14.23
N ASP A 116 -6.20 9.82 -13.99
CA ASP A 116 -5.97 10.85 -12.99
C ASP A 116 -6.24 10.24 -11.61
N LEU A 117 -5.22 9.58 -11.09
CA LEU A 117 -5.32 8.82 -9.87
C LEU A 117 -5.42 9.71 -8.65
N LEU A 118 -4.89 10.92 -8.76
CA LEU A 118 -5.03 11.86 -7.68
C LEU A 118 -6.50 12.16 -7.42
N ASP A 119 -7.25 12.39 -8.49
CA ASP A 119 -8.69 12.62 -8.38
C ASP A 119 -9.45 11.39 -7.87
N VAL A 120 -9.09 10.21 -8.36
CA VAL A 120 -9.56 8.94 -7.79
C VAL A 120 -9.32 8.90 -6.27
N ARG A 121 -8.10 9.20 -5.83
CA ARG A 121 -7.82 9.07 -4.41
C ARG A 121 -8.60 10.08 -3.60
N THR A 122 -8.77 11.29 -4.15
CA THR A 122 -9.39 12.31 -3.30
C THR A 122 -10.90 12.10 -3.27
N THR A 123 -11.48 11.63 -4.37
CA THR A 123 -12.95 11.35 -4.45
C THR A 123 -13.33 10.14 -3.57
N VAL A 124 -12.48 9.11 -3.66
CA VAL A 124 -12.67 7.93 -2.85
C VAL A 124 -12.51 8.27 -1.36
N THR A 125 -11.55 9.15 -1.07
CA THR A 125 -11.41 9.67 0.31
C THR A 125 -12.66 10.45 0.76
N ASN A 126 -13.16 11.33 -0.12
CA ASN A 126 -14.39 12.03 0.13
C ASN A 126 -15.58 11.12 0.42
N ALA A 127 -15.68 10.05 -0.38
CA ALA A 127 -16.79 9.13 -0.27
C ALA A 127 -16.81 8.42 1.09
N LEU A 128 -15.67 8.33 1.77
CA LEU A 128 -15.64 7.76 3.11
C LEU A 128 -16.49 8.58 4.07
N SER A 129 -16.58 9.88 3.79
CA SER A 129 -17.37 10.81 4.62
C SER A 129 -18.78 10.94 4.10
N ASP A 130 -18.91 10.86 2.77
CA ASP A 130 -20.14 11.16 2.12
C ASP A 130 -20.23 10.35 0.83
N PRO A 131 -20.93 9.22 0.84
CA PRO A 131 -21.02 8.36 -0.37
C PRO A 131 -21.54 9.08 -1.64
N SER A 132 -22.30 10.13 -1.45
CA SER A 132 -22.76 10.92 -2.57
C SER A 132 -21.62 11.60 -3.36
N ALA A 133 -20.41 11.70 -2.81
CA ALA A 133 -19.21 12.08 -3.59
C ALA A 133 -19.09 11.28 -4.93
N LEU A 134 -19.61 10.06 -4.92
CA LEU A 134 -19.59 9.20 -6.09
C LEU A 134 -20.60 9.53 -7.16
N HIS A 135 -21.66 10.25 -6.80
CA HIS A 135 -22.81 10.39 -7.73
C HIS A 135 -22.51 11.18 -8.96
N GLY A 136 -22.60 10.56 -10.12
CA GLY A 136 -22.21 11.18 -11.38
C GLY A 136 -20.70 11.40 -11.59
N TRP A 137 -19.88 10.91 -10.66
CA TRP A 137 -18.42 11.03 -10.76
C TRP A 137 -17.90 10.07 -11.80
N GLN A 138 -17.06 10.59 -12.68
CA GLN A 138 -16.42 9.78 -13.68
C GLN A 138 -14.93 9.91 -13.52
N ILE A 139 -14.25 8.79 -13.74
CA ILE A 139 -12.79 8.72 -13.69
C ILE A 139 -12.16 9.38 -14.95
N ARG A 140 -11.17 10.26 -14.71
CA ARG A 140 -10.42 10.93 -15.79
C ARG A 140 -9.33 10.02 -16.37
N LEU A 141 -9.33 9.85 -17.67
CA LEU A 141 -8.36 9.02 -18.37
C LEU A 141 -7.93 9.76 -19.62
N ASP A 142 -6.63 9.88 -19.77
CA ASP A 142 -6.02 10.63 -20.86
C ASP A 142 -6.60 12.05 -20.93
N GLY A 143 -6.89 12.64 -19.76
CA GLY A 143 -7.40 14.00 -19.64
C GLY A 143 -8.87 14.12 -19.93
N GLU A 144 -9.56 13.03 -20.25
CA GLU A 144 -11.00 13.16 -20.33
C GLU A 144 -11.79 12.07 -19.69
N TYR A 145 -13.06 11.99 -20.08
CA TYR A 145 -14.04 11.10 -19.45
C TYR A 145 -14.61 10.13 -20.42
N PRO A 146 -13.80 9.18 -20.87
CA PRO A 146 -14.34 8.29 -21.92
C PRO A 146 -15.41 7.36 -21.35
N THR A 147 -16.30 6.88 -22.21
CA THR A 147 -17.40 6.07 -21.75
C THR A 147 -17.48 4.76 -22.51
N CYS A 148 -18.42 3.93 -22.11
CA CYS A 148 -18.54 2.59 -22.62
C CYS A 148 -18.78 2.51 -24.14
N ARG A 149 -18.07 1.64 -24.84
CA ARG A 149 -18.29 1.43 -26.29
C ARG A 149 -18.68 -0.03 -26.43
N PRO A 150 -19.32 -0.40 -27.56
CA PRO A 150 -19.69 -1.83 -27.60
C PRO A 150 -18.50 -2.78 -27.36
N GLU A 151 -17.29 -2.38 -27.76
CA GLU A 151 -16.13 -3.26 -27.56
C GLU A 151 -15.70 -3.43 -26.08
N ASP A 152 -16.00 -2.44 -25.26
CA ASP A 152 -15.69 -2.50 -23.82
C ASP A 152 -16.57 -3.53 -23.15
N ILE A 153 -17.87 -3.47 -23.40
CA ILE A 153 -18.77 -4.45 -22.82
C ILE A 153 -18.51 -5.82 -23.43
N GLU A 154 -18.22 -5.86 -24.72
CA GLU A 154 -17.82 -7.12 -25.35
C GLU A 154 -16.60 -7.76 -24.66
N PHE A 155 -15.56 -6.97 -24.42
CA PHE A 155 -14.42 -7.48 -23.69
C PHE A 155 -14.78 -8.01 -22.27
N ALA A 156 -15.52 -7.23 -21.47
CA ALA A 156 -15.88 -7.68 -20.12
C ALA A 156 -16.67 -8.98 -20.17
N GLU A 157 -17.60 -9.07 -21.12
CA GLU A 157 -18.37 -10.31 -21.32
C GLU A 157 -17.56 -11.52 -21.82
N SER A 158 -16.52 -11.28 -22.61
CA SER A 158 -15.60 -12.33 -23.00
C SER A 158 -14.75 -12.85 -21.83
N LEU A 159 -14.75 -12.20 -20.65
CA LEU A 159 -13.85 -12.67 -19.59
C LEU A 159 -14.24 -14.03 -19.02
N GLU A 160 -13.21 -14.78 -18.63
CA GLU A 160 -13.27 -16.07 -17.92
C GLU A 160 -14.62 -16.66 -17.56
N TRP B 27 17.78 15.82 20.78
N TRP B 27 17.75 15.98 20.65
CA TRP B 27 17.94 14.38 21.14
CA TRP B 27 17.74 14.52 20.33
C TRP B 27 19.37 13.87 20.91
C TRP B 27 19.06 14.01 19.76
N GLU B 28 20.16 14.64 20.16
CA GLU B 28 21.54 14.31 19.71
C GLU B 28 21.67 14.23 18.20
N HIS B 29 20.86 13.37 17.58
CA HIS B 29 20.73 13.38 16.16
C HIS B 29 19.26 13.57 15.88
N GLU B 30 18.95 14.78 15.43
CA GLU B 30 17.59 15.15 15.13
C GLU B 30 17.10 14.43 13.87
N THR B 31 18.01 14.13 12.93
CA THR B 31 17.65 13.29 11.77
C THR B 31 17.29 11.86 12.21
N LEU B 32 17.92 11.39 13.27
CA LEU B 32 17.58 10.10 13.82
C LEU B 32 16.16 10.16 14.41
N ARG B 33 15.88 11.13 15.27
CA ARG B 33 14.54 11.23 15.85
C ARG B 33 13.46 11.36 14.79
N ARG B 34 13.69 12.20 13.79
N ARG B 34 13.69 12.17 13.77
CA ARG B 34 12.73 12.41 12.72
CA ARG B 34 12.68 12.38 12.75
C ARG B 34 12.48 11.08 12.01
C ARG B 34 12.48 11.13 11.89
N ALA B 35 13.54 10.38 11.62
CA ALA B 35 13.39 9.11 10.93
C ALA B 35 12.58 8.11 11.79
N VAL B 36 12.75 8.16 13.11
CA VAL B 36 11.97 7.33 14.02
C VAL B 36 10.48 7.71 14.01
N VAL B 37 10.20 9.00 14.11
CA VAL B 37 8.83 9.46 14.11
C VAL B 37 8.13 8.99 12.83
N HIS B 38 8.81 9.17 11.71
CA HIS B 38 8.25 8.86 10.39
C HIS B 38 8.13 7.35 10.12
N GLY B 39 9.19 6.63 10.44
CA GLY B 39 9.26 5.19 10.22
C GLY B 39 8.31 4.41 11.10
N VAL B 40 8.15 4.83 12.35
CA VAL B 40 7.18 4.19 13.20
C VAL B 40 5.74 4.48 12.72
N ARG B 41 5.46 5.74 12.39
CA ARG B 41 4.17 6.09 11.77
C ARG B 41 3.82 5.26 10.52
N LEU B 42 4.80 5.08 9.63
CA LEU B 42 4.68 4.24 8.46
C LEU B 42 4.44 2.78 8.86
N TYR B 43 5.18 2.29 9.87
CA TYR B 43 4.98 0.94 10.33
C TYR B 43 3.54 0.79 10.86
N ASN B 44 3.12 1.73 11.69
CA ASN B 44 1.79 1.64 12.26
C ASN B 44 0.65 1.72 11.25
N SER B 45 0.85 2.37 10.09
CA SER B 45 -0.16 2.44 9.02
C SER B 45 -0.09 1.25 8.13
N GLY B 46 0.86 0.35 8.38
CA GLY B 46 0.97 -0.82 7.55
C GLY B 46 1.79 -0.57 6.29
N GLU B 47 2.52 0.54 6.25
CA GLU B 47 3.40 0.71 5.10
C GLU B 47 4.79 0.21 5.42
N PHE B 48 4.93 -1.11 5.40
CA PHE B 48 6.14 -1.73 5.90
C PHE B 48 7.29 -1.49 5.01
N HIS B 49 7.06 -1.48 3.70
CA HIS B 49 8.13 -1.19 2.75
C HIS B 49 8.73 0.21 2.88
N GLU B 50 7.85 1.18 3.01
CA GLU B 50 8.25 2.55 3.26
C GLU B 50 8.94 2.70 4.61
N SER B 51 8.39 2.08 5.63
CA SER B 51 9.02 2.06 6.93
C SER B 51 10.47 1.59 6.85
N HIS B 52 10.68 0.47 6.15
CA HIS B 52 11.97 -0.16 5.91
C HIS B 52 12.99 0.80 5.27
N ASP B 53 12.61 1.42 4.15
CA ASP B 53 13.47 2.41 3.46
C ASP B 53 13.76 3.62 4.32
N CYS B 54 12.76 4.05 5.07
CA CYS B 54 12.93 5.12 6.05
C CYS B 54 14.09 4.82 6.99
N PHE B 55 13.97 3.73 7.76
CA PHE B 55 15.06 3.34 8.69
C PHE B 55 16.40 3.10 7.98
N GLU B 56 16.35 2.45 6.82
CA GLU B 56 17.56 2.12 6.05
C GLU B 56 18.30 3.31 5.52
N ASP B 57 17.56 4.27 4.96
CA ASP B 57 18.15 5.55 4.61
C ASP B 57 18.88 6.18 5.78
N GLU B 58 18.27 6.19 6.97
CA GLU B 58 18.91 6.82 8.10
C GLU B 58 20.08 6.01 8.63
N TRP B 59 20.00 4.70 8.41
CA TRP B 59 21.05 3.75 8.80
C TRP B 59 22.42 4.09 8.19
N TYR B 60 22.42 4.43 6.91
CA TYR B 60 23.64 4.84 6.21
C TYR B 60 24.44 5.99 6.83
N ASN B 61 23.85 6.71 7.78
CA ASN B 61 24.48 7.91 8.30
C ASN B 61 25.36 7.62 9.48
N TYR B 62 25.43 6.34 9.87
CA TYR B 62 26.12 5.94 11.11
C TYR B 62 27.22 4.85 10.96
N GLY B 63 28.20 4.87 11.86
CA GLY B 63 29.30 3.88 11.85
C GLY B 63 28.78 2.53 12.27
N ARG B 64 29.27 1.48 11.61
CA ARG B 64 28.64 0.14 11.61
C ARG B 64 28.54 -0.64 12.95
N GLY B 65 29.15 -0.15 14.04
CA GLY B 65 29.00 -0.81 15.34
C GLY B 65 28.33 -0.02 16.44
N ASN B 66 28.05 1.25 16.16
CA ASN B 66 27.28 2.15 17.01
C ASN B 66 25.91 1.67 17.44
N THR B 67 25.47 2.15 18.60
CA THR B 67 24.10 1.96 19.10
C THR B 67 23.08 2.40 18.05
N GLU B 68 23.36 3.56 17.42
CA GLU B 68 22.49 4.14 16.40
C GLU B 68 22.35 3.21 15.20
N SER B 69 23.47 2.70 14.70
CA SER B 69 23.43 1.80 13.56
C SER B 69 22.80 0.45 13.90
N LYS B 70 23.03 -0.05 15.13
CA LYS B 70 22.43 -1.28 15.70
C LYS B 70 20.91 -1.19 15.80
N PHE B 71 20.46 -0.09 16.40
CA PHE B 71 19.04 0.18 16.56
C PHE B 71 18.30 0.28 15.22
N LEU B 72 18.86 1.06 14.31
CA LEU B 72 18.32 1.24 12.98
C LEU B 72 18.24 -0.04 12.17
N HIS B 73 19.34 -0.79 12.15
CA HIS B 73 19.39 -2.02 11.44
C HIS B 73 18.33 -2.94 11.98
N GLY B 74 18.17 -2.97 13.31
CA GLY B 74 17.14 -3.78 13.96
C GLY B 74 15.74 -3.35 13.50
N MET B 75 15.49 -2.03 13.41
CA MET B 75 14.19 -1.48 12.93
C MET B 75 13.97 -1.84 11.45
N VAL B 76 15.01 -1.74 10.63
CA VAL B 76 14.96 -2.24 9.27
C VAL B 76 14.41 -3.68 9.16
N GLN B 77 14.96 -4.61 9.98
CA GLN B 77 14.46 -6.01 10.00
C GLN B 77 13.05 -6.20 10.52
N VAL B 78 12.64 -5.44 11.54
CA VAL B 78 11.27 -5.50 12.00
C VAL B 78 10.31 -5.08 10.89
N ALA B 79 10.66 -4.02 10.16
CA ALA B 79 9.78 -3.57 9.07
C ALA B 79 9.78 -4.59 7.96
N ALA B 80 10.97 -5.09 7.59
CA ALA B 80 11.09 -6.08 6.51
C ALA B 80 10.38 -7.38 6.91
N GLY B 81 10.58 -7.82 8.16
CA GLY B 81 9.86 -8.98 8.69
C GLY B 81 8.34 -8.90 8.62
N ALA B 82 7.76 -7.80 9.09
CA ALA B 82 6.32 -7.56 9.01
C ALA B 82 5.82 -7.58 7.56
N TYR B 83 6.61 -7.03 6.64
CA TYR B 83 6.28 -6.95 5.21
C TYR B 83 6.15 -8.36 4.61
N LYS B 84 7.08 -9.23 4.96
CA LYS B 84 6.99 -10.66 4.60
C LYS B 84 5.73 -11.29 5.15
N HIS B 85 5.46 -11.10 6.44
CA HIS B 85 4.27 -11.68 7.04
C HIS B 85 2.98 -11.17 6.44
N PHE B 86 2.77 -9.86 6.54
CA PHE B 86 1.48 -9.25 6.14
C PHE B 86 1.25 -9.24 4.65
N ASP B 87 2.27 -8.90 3.87
CA ASP B 87 2.11 -8.73 2.42
C ASP B 87 2.34 -9.99 1.58
N PHE B 88 3.18 -10.92 2.07
CA PHE B 88 3.60 -12.07 1.26
C PHE B 88 3.28 -13.38 1.93
N GLU B 89 2.51 -13.31 3.01
CA GLU B 89 2.24 -14.51 3.81
C GLU B 89 3.44 -15.47 3.86
N ASP B 90 4.58 -14.91 4.23
CA ASP B 90 5.82 -15.61 4.19
C ASP B 90 6.34 -15.63 5.64
N ASP B 91 5.82 -16.56 6.42
CA ASP B 91 6.16 -16.66 7.84
C ASP B 91 7.61 -17.04 8.13
N ASP B 92 8.19 -17.86 7.26
CA ASP B 92 9.58 -18.25 7.38
C ASP B 92 10.56 -17.11 7.13
N GLY B 93 10.27 -16.27 6.15
CA GLY B 93 11.12 -15.09 5.90
C GLY B 93 11.02 -14.10 7.06
N MET B 94 9.82 -14.00 7.64
CA MET B 94 9.52 -13.20 8.81
C MET B 94 10.34 -13.66 10.01
N ARG B 95 10.29 -14.97 10.29
CA ARG B 95 11.04 -15.52 11.43
C ARG B 95 12.56 -15.31 11.30
N SER B 96 13.13 -15.40 10.10
CA SER B 96 14.58 -15.18 9.91
C SER B 96 14.93 -13.75 10.24
N LEU B 97 14.20 -12.82 9.61
CA LEU B 97 14.45 -11.38 9.85
C LEU B 97 14.28 -11.00 11.34
N PHE B 98 13.26 -11.51 12.00
CA PHE B 98 13.04 -11.24 13.44
C PHE B 98 14.15 -11.76 14.37
N ARG B 99 14.65 -12.96 14.07
N ARG B 99 14.68 -12.94 14.06
CA ARG B 99 15.74 -13.57 14.85
CA ARG B 99 15.73 -13.58 14.87
C ARG B 99 16.96 -12.67 14.82
C ARG B 99 17.03 -12.78 14.79
N THR B 100 17.32 -12.23 13.61
CA THR B 100 18.41 -11.27 13.40
C THR B 100 18.20 -9.90 14.03
N SER B 101 16.95 -9.42 14.03
CA SER B 101 16.72 -8.10 14.58
C SER B 101 17.03 -8.12 16.08
N LEU B 102 16.61 -9.16 16.79
CA LEU B 102 16.91 -9.30 18.24
C LEU B 102 18.40 -9.20 18.57
N GLN B 103 19.22 -9.72 17.69
CA GLN B 103 20.68 -9.59 17.82
C GLN B 103 21.12 -8.16 17.66
N TYR B 104 20.57 -7.48 16.65
CA TYR B 104 20.94 -6.08 16.44
C TYR B 104 20.50 -5.23 17.58
N PHE B 105 19.35 -5.55 18.18
CA PHE B 105 18.84 -4.74 19.28
C PHE B 105 19.53 -5.00 20.62
N ARG B 106 20.22 -6.13 20.77
CA ARG B 106 20.91 -6.45 22.07
C ARG B 106 21.76 -5.26 22.48
N GLY B 107 21.63 -4.81 23.72
CA GLY B 107 22.49 -3.72 24.20
C GLY B 107 21.95 -2.31 24.02
N VAL B 108 21.06 -2.12 23.02
CA VAL B 108 20.43 -0.82 22.83
C VAL B 108 19.57 -0.60 24.10
N PRO B 109 19.55 0.65 24.64
CA PRO B 109 18.69 1.00 25.81
C PRO B 109 17.21 0.67 25.65
N ASN B 110 16.56 0.41 26.76
CA ASN B 110 15.17 -0.09 26.78
C ASN B 110 14.18 0.90 26.15
N ASP B 111 14.63 2.17 26.12
CA ASP B 111 13.92 3.31 25.55
C ASP B 111 14.96 4.09 24.81
N TYR B 112 14.73 4.30 23.52
CA TYR B 112 15.75 4.91 22.72
C TYR B 112 15.03 5.67 21.64
N TYR B 113 15.26 6.97 21.58
CA TYR B 113 14.64 7.83 20.58
C TYR B 113 13.12 7.83 20.63
N GLY B 114 12.58 7.57 21.81
CA GLY B 114 11.15 7.50 21.98
C GLY B 114 10.55 6.10 21.81
N VAL B 115 11.32 5.18 21.23
CA VAL B 115 10.86 3.82 20.97
C VAL B 115 11.07 2.98 22.21
N ASP B 116 10.03 2.24 22.61
CA ASP B 116 10.12 1.26 23.70
C ASP B 116 10.55 -0.10 23.13
N LEU B 117 11.84 -0.39 23.29
CA LEU B 117 12.46 -1.58 22.75
C LEU B 117 12.10 -2.79 23.55
N LEU B 118 11.78 -2.58 24.82
CA LEU B 118 11.26 -3.66 25.63
C LEU B 118 10.00 -4.23 24.98
N ASP B 119 9.07 -3.36 24.54
CA ASP B 119 7.87 -3.80 23.76
C ASP B 119 8.21 -4.36 22.37
N VAL B 120 9.09 -3.68 21.62
CA VAL B 120 9.48 -4.21 20.31
C VAL B 120 10.06 -5.62 20.48
N ARG B 121 11.03 -5.78 21.38
CA ARG B 121 11.64 -7.12 21.57
C ARG B 121 10.60 -8.14 21.97
N THR B 122 9.68 -7.72 22.85
CA THR B 122 8.65 -8.63 23.31
C THR B 122 7.85 -9.21 22.15
N THR B 123 7.36 -8.34 21.29
CA THR B 123 6.53 -8.76 20.17
C THR B 123 7.30 -9.58 19.14
N VAL B 124 8.50 -9.12 18.84
CA VAL B 124 9.34 -9.79 17.90
C VAL B 124 9.69 -11.20 18.40
N THR B 125 10.10 -11.31 19.68
CA THR B 125 10.30 -12.64 20.27
C THR B 125 9.03 -13.48 20.22
N ASN B 126 7.89 -12.94 20.67
CA ASN B 126 6.68 -13.74 20.70
C ASN B 126 6.20 -14.17 19.31
N ALA B 127 6.41 -13.29 18.30
CA ALA B 127 6.10 -13.64 16.89
C ALA B 127 6.89 -14.83 16.37
N LEU B 128 8.09 -15.06 16.89
CA LEU B 128 8.86 -16.30 16.58
C LEU B 128 8.08 -17.59 16.94
N SER B 129 7.16 -17.49 17.90
CA SER B 129 6.36 -18.64 18.28
C SER B 129 5.03 -18.61 17.64
N ASP B 130 4.45 -17.41 17.59
CA ASP B 130 3.11 -17.23 17.10
C ASP B 130 3.00 -15.91 16.30
N PRO B 131 2.99 -16.02 14.96
CA PRO B 131 2.96 -14.85 14.07
C PRO B 131 1.82 -13.86 14.35
N SER B 132 0.72 -14.35 14.88
CA SER B 132 -0.39 -13.46 15.17
C SER B 132 -0.05 -12.47 16.32
N ALA B 133 1.13 -12.59 16.94
CA ALA B 133 1.64 -11.58 17.90
C ALA B 133 1.75 -10.15 17.24
N LEU B 134 1.93 -10.12 15.94
CA LEU B 134 2.02 -8.86 15.19
C LEU B 134 0.68 -8.15 14.96
N HIS B 135 -0.41 -8.93 15.00
CA HIS B 135 -1.73 -8.45 14.56
C HIS B 135 -2.29 -7.38 15.50
N GLY B 136 -2.54 -6.19 14.99
CA GLY B 136 -3.03 -5.12 15.85
C GLY B 136 -1.95 -4.44 16.67
N TRP B 137 -0.70 -4.93 16.54
CA TRP B 137 0.42 -4.31 17.26
C TRP B 137 0.93 -3.00 16.63
N GLN B 138 1.00 -1.97 17.45
CA GLN B 138 1.47 -0.67 17.02
C GLN B 138 2.73 -0.39 17.83
N ILE B 139 3.78 0.06 17.18
CA ILE B 139 4.97 0.52 17.92
C ILE B 139 4.61 1.79 18.68
N ARG B 140 4.76 1.77 20.01
CA ARG B 140 4.46 2.99 20.79
C ARG B 140 5.64 3.98 20.82
N LEU B 141 5.32 5.26 20.75
CA LEU B 141 6.30 6.32 20.74
C LEU B 141 6.18 7.12 22.03
N ASP B 142 7.29 7.21 22.76
CA ASP B 142 7.37 7.66 24.17
C ASP B 142 6.03 7.62 24.95
N GLY B 143 5.39 6.43 24.98
CA GLY B 143 4.04 6.23 25.54
C GLY B 143 2.93 6.83 24.67
N GLU B 144 2.10 5.96 24.09
CA GLU B 144 0.95 6.43 23.29
C GLU B 144 -0.16 5.36 23.21
#